data_5JTF
#
_entry.id   5JTF
#
_cell.length_a   67.017
_cell.length_b   67.017
_cell.length_c   206.740
_cell.angle_alpha   90.00
_cell.angle_beta   90.00
_cell.angle_gamma   90.00
#
_symmetry.space_group_name_H-M   'P 43 21 2'
#
loop_
_entity.id
_entity.type
_entity.pdbx_description
1 polymer 'Putative Phosphinothricin N-acetyltransferase'
2 non-polymer 2-AMINO-2-HYDROXYMETHYL-PROPANE-1,3-DIOL
3 water water
#
_entity_poly.entity_id   1
_entity_poly.type   'polypeptide(L)'
_entity_poly.pdbx_seq_one_letter_code
;MHSGIDIRVARPEDAEEIQIIYAPIVLNTAISFEEAVPSVEQMRERISTTLQTYPYLVAVREGRVVGYAYASQHRARAAY
RWAVDVTVYVAEGQRRSGIARQLYDVLLPVLKRLGYRSAYAGIALPNEGSVGLHERLGFQHIGTFPQVGFKLDAWHDVGY
WRFDFGDEGLHPEAPLGFLSQIPLGPEQKLISEEDLNSAVDHHHHHH
;
_entity_poly.pdbx_strand_id   A,B
#
# COMPACT_ATOMS: atom_id res chain seq x y z
N GLY A 4 -25.78 -14.66 21.09
CA GLY A 4 -26.66 -13.84 20.28
C GLY A 4 -25.88 -12.92 19.37
N ILE A 5 -24.64 -12.62 19.78
CA ILE A 5 -23.74 -11.76 19.00
C ILE A 5 -24.30 -10.37 18.69
N ASP A 6 -24.35 -9.51 19.71
CA ASP A 6 -24.73 -8.12 19.51
C ASP A 6 -23.53 -7.32 19.01
N ILE A 7 -23.77 -6.17 18.39
CA ILE A 7 -22.71 -5.38 17.75
C ILE A 7 -22.77 -3.90 18.14
N ARG A 8 -21.60 -3.31 18.40
CA ARG A 8 -21.52 -1.89 18.75
C ARG A 8 -20.16 -1.29 18.41
N VAL A 9 -20.05 0.03 18.56
CA VAL A 9 -18.79 0.72 18.35
C VAL A 9 -17.83 0.44 19.51
N ALA A 10 -16.59 0.13 19.18
CA ALA A 10 -15.57 -0.18 20.18
C ALA A 10 -15.18 1.04 20.99
N ARG A 11 -14.62 0.81 22.17
CA ARG A 11 -14.10 1.88 23.01
C ARG A 11 -12.82 1.41 23.69
N PRO A 12 -11.91 2.35 24.00
CA PRO A 12 -10.60 2.07 24.63
C PRO A 12 -10.64 1.14 25.85
N GLU A 13 -11.82 0.87 26.38
CA GLU A 13 -11.98 -0.05 27.50
C GLU A 13 -11.89 -1.52 27.07
N ASP A 14 -12.36 -1.80 25.85
CA ASP A 14 -12.35 -3.17 25.33
C ASP A 14 -10.95 -3.57 24.87
N ALA A 15 -10.01 -2.64 25.00
CA ALA A 15 -8.64 -2.84 24.51
C ALA A 15 -7.98 -4.14 24.97
N GLU A 16 -8.28 -4.56 26.20
CA GLU A 16 -7.74 -5.81 26.72
C GLU A 16 -8.30 -7.02 25.98
N GLU A 17 -9.62 -7.09 25.87
CA GLU A 17 -10.30 -8.21 25.23
C GLU A 17 -9.94 -8.35 23.76
N ILE A 18 -9.82 -7.21 23.08
CA ILE A 18 -9.41 -7.20 21.68
C ILE A 18 -7.97 -7.68 21.56
N GLN A 19 -7.13 -7.23 22.47
CA GLN A 19 -5.71 -7.57 22.46
C GLN A 19 -5.49 -9.06 22.71
N ILE A 20 -6.48 -9.71 23.32
CA ILE A 20 -6.43 -11.16 23.55
C ILE A 20 -6.87 -11.93 22.29
N ILE A 21 -7.82 -11.36 21.56
CA ILE A 21 -8.22 -11.93 20.27
C ILE A 21 -7.05 -11.85 19.30
N TYR A 22 -6.29 -10.76 19.38
CA TYR A 22 -5.23 -10.48 18.43
C TYR A 22 -3.97 -11.31 18.67
N ALA A 23 -3.69 -11.61 19.93
CA ALA A 23 -2.45 -12.28 20.33
C ALA A 23 -2.08 -13.54 19.51
N PRO A 24 -2.97 -14.54 19.44
CA PRO A 24 -2.56 -15.74 18.68
C PRO A 24 -2.58 -15.49 17.17
N ILE A 25 -3.30 -14.46 16.73
CA ILE A 25 -3.32 -14.11 15.32
C ILE A 25 -1.95 -13.61 14.89
N VAL A 26 -1.34 -12.77 15.71
CA VAL A 26 0.02 -12.29 15.46
C VAL A 26 1.05 -13.40 15.67
N LEU A 27 0.97 -14.07 16.82
CA LEU A 27 1.95 -15.09 17.19
C LEU A 27 1.96 -16.35 16.33
N ASN A 28 0.80 -16.78 15.86
CA ASN A 28 0.67 -18.11 15.26
C ASN A 28 0.22 -18.15 13.81
N THR A 29 -0.22 -17.01 13.28
CA THR A 29 -0.80 -17.01 11.93
C THR A 29 -0.16 -15.99 11.00
N ALA A 30 -0.55 -16.06 9.73
CA ALA A 30 -0.08 -15.12 8.71
C ALA A 30 -1.18 -14.18 8.27
N ILE A 31 -2.25 -14.10 9.06
CA ILE A 31 -3.35 -13.20 8.76
C ILE A 31 -2.91 -11.77 8.94
N SER A 32 -2.27 -11.49 10.07
CA SER A 32 -1.58 -10.24 10.27
C SER A 32 -0.13 -10.47 9.91
N PHE A 33 0.54 -9.44 9.40
CA PHE A 33 1.97 -9.55 9.12
C PHE A 33 2.81 -8.86 10.19
N GLU A 34 2.13 -8.35 11.22
CA GLU A 34 2.81 -7.88 12.42
C GLU A 34 3.50 -9.06 13.07
N GLU A 35 4.81 -8.94 13.28
CA GLU A 35 5.57 -10.03 13.86
C GLU A 35 5.73 -9.91 15.37
N ALA A 36 5.08 -8.91 15.96
CA ALA A 36 5.14 -8.72 17.40
C ALA A 36 3.80 -8.33 18.00
N VAL A 37 3.39 -9.06 19.04
CA VAL A 37 2.15 -8.76 19.75
C VAL A 37 2.20 -7.39 20.41
N PRO A 38 1.24 -6.52 20.09
CA PRO A 38 1.17 -5.18 20.67
C PRO A 38 0.66 -5.19 22.09
N SER A 39 0.97 -4.14 22.85
CA SER A 39 0.52 -4.03 24.23
C SER A 39 -0.87 -3.41 24.29
N VAL A 40 -1.51 -3.55 25.45
CA VAL A 40 -2.82 -2.97 25.67
C VAL A 40 -2.75 -1.45 25.51
N GLU A 41 -1.68 -0.86 26.04
CA GLU A 41 -1.47 0.58 25.97
C GLU A 41 -1.47 1.14 24.55
N GLN A 42 -0.99 0.34 23.60
CA GLN A 42 -0.95 0.78 22.21
C GLN A 42 -2.15 0.23 21.42
N MET A 43 -2.71 -0.88 21.90
CA MET A 43 -3.96 -1.38 21.36
C MET A 43 -5.05 -0.37 21.66
N ARG A 44 -5.00 0.18 22.87
CA ARG A 44 -5.93 1.23 23.28
C ARG A 44 -5.79 2.43 22.35
N GLU A 45 -4.55 2.81 22.08
CA GLU A 45 -4.25 3.96 21.22
C GLU A 45 -4.81 3.79 19.81
N ARG A 46 -4.63 2.59 19.24
CA ARG A 46 -5.11 2.32 17.88
C ARG A 46 -6.62 2.50 17.75
N ILE A 47 -7.35 2.00 18.74
CA ILE A 47 -8.81 2.10 18.77
C ILE A 47 -9.25 3.55 18.66
N SER A 48 -8.82 4.34 19.64
CA SER A 48 -9.17 5.76 19.70
C SER A 48 -8.60 6.54 18.51
N THR A 49 -7.42 6.16 18.03
CA THR A 49 -6.82 6.84 16.88
C THR A 49 -7.58 6.54 15.60
N THR A 50 -8.11 5.32 15.49
CA THR A 50 -8.96 4.97 14.36
C THR A 50 -10.27 5.75 14.42
N LEU A 51 -10.90 5.76 15.60
CA LEU A 51 -12.20 6.38 15.78
C LEU A 51 -12.21 7.89 15.53
N GLN A 52 -11.03 8.47 15.38
CA GLN A 52 -10.92 9.88 15.03
C GLN A 52 -11.30 10.13 13.58
N THR A 53 -11.58 9.06 12.84
CA THR A 53 -11.89 9.19 11.42
C THR A 53 -12.72 8.02 10.86
N TYR A 54 -12.40 6.80 11.31
CA TYR A 54 -13.06 5.61 10.78
C TYR A 54 -13.86 4.88 11.86
N PRO A 55 -14.83 4.05 11.44
CA PRO A 55 -15.52 3.20 12.41
C PRO A 55 -14.62 2.10 12.95
N TYR A 56 -15.08 1.45 14.01
CA TYR A 56 -14.35 0.39 14.68
C TYR A 56 -15.38 -0.34 15.51
N LEU A 57 -15.69 -1.58 15.13
CA LEU A 57 -16.82 -2.27 15.71
C LEU A 57 -16.41 -3.51 16.49
N VAL A 58 -17.21 -3.84 17.49
CA VAL A 58 -16.97 -5.03 18.29
C VAL A 58 -18.20 -5.92 18.32
N ALA A 59 -17.97 -7.23 18.36
CA ALA A 59 -19.06 -8.18 18.51
C ALA A 59 -18.96 -8.79 19.90
N VAL A 60 -20.09 -8.85 20.60
CA VAL A 60 -20.10 -9.41 21.95
C VAL A 60 -21.01 -10.62 22.08
N ARG A 61 -20.61 -11.58 22.91
CA ARG A 61 -21.42 -12.75 23.20
C ARG A 61 -21.36 -13.02 24.70
N GLU A 62 -22.52 -12.99 25.35
CA GLU A 62 -22.60 -13.13 26.80
C GLU A 62 -21.73 -12.10 27.52
N GLY A 63 -21.76 -10.87 27.04
CA GLY A 63 -20.99 -9.79 27.64
C GLY A 63 -19.49 -10.00 27.53
N ARG A 64 -19.04 -10.49 26.37
CA ARG A 64 -17.62 -10.72 26.14
C ARG A 64 -17.28 -10.59 24.66
N VAL A 65 -16.28 -9.78 24.35
CA VAL A 65 -15.89 -9.52 22.96
C VAL A 65 -15.33 -10.77 22.29
N VAL A 66 -15.98 -11.18 21.21
CA VAL A 66 -15.57 -12.40 20.49
C VAL A 66 -15.20 -12.10 19.03
N GLY A 67 -14.96 -10.82 18.72
CA GLY A 67 -14.60 -10.44 17.37
C GLY A 67 -14.66 -8.94 17.16
N TYR A 68 -13.88 -8.45 16.22
CA TYR A 68 -13.89 -7.02 15.91
C TYR A 68 -13.67 -6.72 14.43
N ALA A 69 -13.95 -5.49 14.03
CA ALA A 69 -13.80 -5.07 12.66
C ALA A 69 -13.52 -3.57 12.62
N TYR A 70 -12.56 -3.17 11.80
CA TYR A 70 -12.27 -1.74 11.66
C TYR A 70 -11.96 -1.31 10.23
N ALA A 71 -12.00 0.00 10.01
CA ALA A 71 -11.63 0.59 8.73
C ALA A 71 -10.34 1.37 8.92
N SER A 72 -9.55 1.47 7.85
CA SER A 72 -8.27 2.15 7.92
C SER A 72 -7.94 2.78 6.58
N GLN A 73 -6.92 3.64 6.58
CA GLN A 73 -6.48 4.31 5.36
C GLN A 73 -5.94 3.30 4.34
N HIS A 74 -6.27 3.50 3.07
CA HIS A 74 -5.74 2.63 2.02
C HIS A 74 -4.33 3.04 1.65
N ARG A 75 -4.19 4.23 1.08
CA ARG A 75 -2.89 4.82 0.78
C ARG A 75 -2.86 6.27 1.27
N ALA A 76 -1.68 6.88 1.26
CA ALA A 76 -1.41 8.07 2.08
C ALA A 76 -1.83 9.46 1.55
N ARG A 77 -1.98 9.60 0.24
N ARG A 77 -1.98 9.60 0.24
CA ARG A 77 -2.26 10.91 -0.35
CA ARG A 77 -2.26 10.92 -0.33
C ARG A 77 -3.75 11.19 -0.52
C ARG A 77 -3.75 11.19 -0.52
N ALA A 78 -4.08 12.47 -0.73
CA ALA A 78 -5.48 12.91 -0.83
C ALA A 78 -6.25 12.34 -2.02
N ALA A 79 -5.56 12.03 -3.10
CA ALA A 79 -6.23 11.49 -4.28
C ALA A 79 -6.82 10.12 -3.99
N TYR A 80 -6.43 9.53 -2.85
CA TYR A 80 -6.80 8.16 -2.51
C TYR A 80 -7.90 8.06 -1.44
N ARG A 81 -8.42 9.18 -0.97
CA ARG A 81 -9.23 9.16 0.25
C ARG A 81 -10.63 8.55 0.15
N TRP A 82 -10.98 8.00 -1.02
CA TRP A 82 -12.26 7.32 -1.18
C TRP A 82 -12.09 5.80 -1.21
N ALA A 83 -10.85 5.34 -1.21
CA ALA A 83 -10.56 3.93 -0.97
C ALA A 83 -10.39 3.73 0.53
N VAL A 84 -10.83 2.58 1.03
CA VAL A 84 -10.72 2.27 2.44
C VAL A 84 -10.32 0.81 2.63
N ASP A 85 -9.54 0.54 3.66
CA ASP A 85 -9.12 -0.83 3.95
C ASP A 85 -9.92 -1.40 5.11
N VAL A 86 -10.59 -2.52 4.87
CA VAL A 86 -11.41 -3.16 5.89
C VAL A 86 -10.72 -4.37 6.49
N THR A 87 -10.83 -4.50 7.81
CA THR A 87 -10.19 -5.60 8.52
C THR A 87 -11.19 -6.24 9.46
N VAL A 88 -11.39 -7.55 9.33
CA VAL A 88 -12.33 -8.25 10.20
C VAL A 88 -11.69 -9.47 10.86
N TYR A 89 -11.64 -9.44 12.19
CA TYR A 89 -11.08 -10.55 12.97
C TYR A 89 -12.14 -11.16 13.87
N VAL A 90 -12.05 -12.47 14.09
CA VAL A 90 -12.97 -13.16 14.98
C VAL A 90 -12.22 -14.05 15.96
N ALA A 91 -12.92 -14.54 16.98
CA ALA A 91 -12.32 -15.33 18.04
C ALA A 91 -11.71 -16.63 17.53
N GLU A 92 -10.74 -17.16 18.27
CA GLU A 92 -10.05 -18.38 17.90
C GLU A 92 -10.78 -19.62 18.41
N GLY A 93 -12.08 -19.71 18.14
CA GLY A 93 -12.86 -20.82 18.65
C GLY A 93 -14.16 -21.18 17.96
N GLN A 94 -15.02 -20.20 17.73
CA GLN A 94 -16.42 -20.51 17.42
C GLN A 94 -17.07 -19.76 16.26
N ARG A 95 -16.46 -18.66 15.82
CA ARG A 95 -17.13 -17.72 14.92
C ARG A 95 -17.52 -18.26 13.54
N ARG A 96 -16.58 -18.93 12.87
CA ARG A 96 -16.74 -19.30 11.46
C ARG A 96 -16.98 -18.04 10.64
N SER A 97 -18.02 -18.03 9.81
CA SER A 97 -18.34 -16.85 9.01
C SER A 97 -19.79 -16.74 8.54
N GLY A 98 -20.73 -16.53 9.47
CA GLY A 98 -20.43 -16.45 10.89
C GLY A 98 -20.47 -15.04 11.45
N ILE A 99 -19.70 -14.83 12.51
CA ILE A 99 -19.59 -13.52 13.14
C ILE A 99 -19.01 -12.50 12.17
N ALA A 100 -18.08 -12.97 11.33
CA ALA A 100 -17.42 -12.12 10.34
C ALA A 100 -18.40 -11.44 9.39
N ARG A 101 -19.42 -12.18 8.93
CA ARG A 101 -20.40 -11.62 8.00
C ARG A 101 -21.34 -10.64 8.70
N GLN A 102 -21.61 -10.89 9.96
CA GLN A 102 -22.43 -9.98 10.76
C GLN A 102 -21.70 -8.66 10.96
N LEU A 103 -20.38 -8.74 11.07
CA LEU A 103 -19.53 -7.58 11.26
C LEU A 103 -19.50 -6.70 10.01
N TYR A 104 -19.30 -7.34 8.86
CA TYR A 104 -19.26 -6.63 7.58
C TYR A 104 -20.60 -6.01 7.23
N ASP A 105 -21.68 -6.70 7.59
CA ASP A 105 -23.03 -6.25 7.25
C ASP A 105 -23.42 -4.97 7.99
N VAL A 106 -22.64 -4.63 9.01
CA VAL A 106 -22.81 -3.36 9.71
C VAL A 106 -21.79 -2.35 9.22
N LEU A 107 -20.54 -2.80 9.12
CA LEU A 107 -19.40 -1.96 8.75
C LEU A 107 -19.46 -1.40 7.33
N LEU A 108 -19.75 -2.28 6.37
CA LEU A 108 -19.85 -1.86 4.98
C LEU A 108 -20.88 -0.77 4.69
N PRO A 109 -22.14 -0.91 5.18
CA PRO A 109 -23.15 0.14 4.93
C PRO A 109 -22.74 1.50 5.48
N VAL A 110 -22.26 1.55 6.72
CA VAL A 110 -21.74 2.78 7.31
C VAL A 110 -20.73 3.43 6.37
N LEU A 111 -19.75 2.65 5.95
CA LEU A 111 -18.74 3.09 4.98
C LEU A 111 -19.36 3.69 3.72
N LYS A 112 -20.34 2.99 3.16
CA LYS A 112 -21.02 3.46 1.95
C LYS A 112 -21.70 4.79 2.21
N ARG A 113 -22.26 4.93 3.40
CA ARG A 113 -22.99 6.13 3.77
C ARG A 113 -22.10 7.27 4.24
N LEU A 114 -20.80 7.02 4.29
CA LEU A 114 -19.85 8.04 4.71
C LEU A 114 -19.23 8.75 3.52
N GLY A 115 -19.31 8.12 2.35
CA GLY A 115 -18.89 8.75 1.12
C GLY A 115 -17.78 8.03 0.40
N TYR A 116 -17.36 6.89 0.93
CA TYR A 116 -16.31 6.09 0.31
C TYR A 116 -16.85 5.40 -0.94
N ARG A 117 -15.94 5.08 -1.87
CA ARG A 117 -16.34 4.54 -3.17
C ARG A 117 -15.98 3.06 -3.30
N SER A 118 -14.79 2.70 -2.84
CA SER A 118 -14.35 1.32 -2.90
C SER A 118 -13.73 0.88 -1.59
N ALA A 119 -14.06 -0.33 -1.16
CA ALA A 119 -13.49 -0.91 0.04
C ALA A 119 -12.59 -2.08 -0.34
N TYR A 120 -11.40 -2.13 0.26
CA TYR A 120 -10.42 -3.14 -0.08
C TYR A 120 -10.08 -4.05 1.10
N ALA A 121 -10.01 -5.35 0.83
CA ALA A 121 -9.61 -6.32 1.84
C ALA A 121 -8.47 -7.18 1.33
N GLY A 122 -7.39 -7.27 2.11
CA GLY A 122 -6.24 -8.08 1.75
C GLY A 122 -6.21 -9.40 2.50
N ILE A 123 -6.31 -10.50 1.78
CA ILE A 123 -6.28 -11.82 2.40
C ILE A 123 -4.96 -12.54 2.15
N ALA A 124 -4.39 -13.12 3.19
CA ALA A 124 -3.20 -13.96 3.05
C ALA A 124 -3.61 -15.34 2.57
N LEU A 125 -3.28 -15.63 1.31
CA LEU A 125 -3.62 -16.92 0.71
C LEU A 125 -2.64 -18.00 1.20
N PRO A 126 -3.11 -19.24 1.34
CA PRO A 126 -4.47 -19.71 1.05
C PRO A 126 -5.42 -19.43 2.21
N ASN A 127 -6.69 -19.23 1.88
CA ASN A 127 -7.71 -18.94 2.89
C ASN A 127 -9.10 -19.13 2.28
N GLU A 128 -9.38 -20.35 1.84
CA GLU A 128 -10.61 -20.68 1.13
C GLU A 128 -11.87 -20.17 1.82
N GLY A 129 -11.86 -20.20 3.15
CA GLY A 129 -12.99 -19.72 3.94
C GLY A 129 -13.24 -18.24 3.75
N SER A 130 -12.26 -17.42 4.14
CA SER A 130 -12.38 -15.96 4.02
C SER A 130 -12.53 -15.53 2.57
N VAL A 131 -11.87 -16.25 1.66
CA VAL A 131 -12.01 -15.99 0.23
C VAL A 131 -13.47 -16.08 -0.21
N GLY A 132 -14.15 -17.13 0.20
CA GLY A 132 -15.54 -17.36 -0.18
C GLY A 132 -16.51 -16.38 0.45
N LEU A 133 -16.23 -16.01 1.69
CA LEU A 133 -17.05 -15.05 2.41
C LEU A 133 -17.11 -13.71 1.69
N HIS A 134 -15.94 -13.20 1.32
CA HIS A 134 -15.84 -11.94 0.60
C HIS A 134 -16.56 -11.97 -0.75
N GLU A 135 -16.47 -13.12 -1.43
CA GLU A 135 -17.14 -13.27 -2.72
C GLU A 135 -18.66 -13.31 -2.56
N ARG A 136 -19.12 -13.98 -1.51
CA ARG A 136 -20.54 -14.02 -1.17
C ARG A 136 -21.04 -12.61 -0.88
N LEU A 137 -20.26 -11.86 -0.12
CA LEU A 137 -20.58 -10.47 0.21
C LEU A 137 -20.63 -9.57 -1.01
N GLY A 138 -19.93 -9.97 -2.08
CA GLY A 138 -19.87 -9.17 -3.29
C GLY A 138 -18.55 -8.46 -3.49
N PHE A 139 -17.47 -8.99 -2.94
CA PHE A 139 -16.13 -8.49 -3.21
C PHE A 139 -15.63 -9.10 -4.52
N GLN A 140 -15.05 -8.27 -5.38
CA GLN A 140 -14.42 -8.76 -6.59
C GLN A 140 -12.91 -8.85 -6.40
N HIS A 141 -12.34 -10.00 -6.72
CA HIS A 141 -10.89 -10.19 -6.70
C HIS A 141 -10.24 -9.33 -7.78
N ILE A 142 -9.25 -8.52 -7.39
CA ILE A 142 -8.60 -7.63 -8.36
C ILE A 142 -7.13 -7.91 -8.61
N GLY A 143 -6.53 -8.80 -7.81
CA GLY A 143 -5.14 -9.18 -8.03
C GLY A 143 -4.49 -9.87 -6.85
N THR A 144 -3.22 -10.24 -7.03
CA THR A 144 -2.46 -10.89 -5.96
C THR A 144 -0.99 -10.47 -5.98
N PHE A 145 -0.46 -10.17 -4.80
CA PHE A 145 0.96 -9.91 -4.62
C PHE A 145 1.63 -11.18 -4.12
N PRO A 146 2.28 -11.92 -5.03
CA PRO A 146 2.85 -13.23 -4.68
C PRO A 146 4.17 -13.14 -3.93
N GLN A 147 4.32 -14.01 -2.93
CA GLN A 147 5.56 -14.13 -2.16
C GLN A 147 5.98 -12.79 -1.56
N VAL A 148 5.01 -11.93 -1.32
CA VAL A 148 5.29 -10.55 -0.93
C VAL A 148 5.62 -10.44 0.57
N GLY A 149 5.22 -11.46 1.34
CA GLY A 149 5.45 -11.43 2.77
C GLY A 149 6.09 -12.68 3.34
N PHE A 150 7.04 -12.50 4.26
CA PHE A 150 7.67 -13.63 4.94
C PHE A 150 7.42 -13.58 6.44
N LYS A 151 6.51 -14.43 6.90
CA LYS A 151 6.25 -14.57 8.32
C LYS A 151 6.15 -16.05 8.67
N LEU A 152 6.58 -16.39 9.88
CA LEU A 152 6.59 -17.77 10.36
C LEU A 152 7.26 -18.75 9.39
N ASP A 153 8.48 -18.42 8.98
CA ASP A 153 9.29 -19.28 8.11
C ASP A 153 8.60 -19.69 6.80
N ALA A 154 7.92 -18.75 6.16
CA ALA A 154 7.26 -19.03 4.88
C ALA A 154 6.90 -17.76 4.11
N TRP A 155 6.89 -17.87 2.78
CA TRP A 155 6.44 -16.77 1.94
C TRP A 155 4.94 -16.88 1.68
N HIS A 156 4.23 -15.77 1.82
CA HIS A 156 2.77 -15.80 1.70
C HIS A 156 2.26 -14.89 0.60
N ASP A 157 1.42 -15.45 -0.28
CA ASP A 157 0.76 -14.66 -1.31
C ASP A 157 -0.38 -13.89 -0.68
N VAL A 158 -0.51 -12.62 -1.05
CA VAL A 158 -1.55 -11.77 -0.49
C VAL A 158 -2.47 -11.24 -1.59
N GLY A 159 -3.72 -11.70 -1.58
CA GLY A 159 -4.67 -11.30 -2.58
C GLY A 159 -5.56 -10.16 -2.11
N TYR A 160 -5.97 -9.31 -3.03
CA TYR A 160 -6.78 -8.14 -2.68
C TYR A 160 -8.16 -8.19 -3.33
N TRP A 161 -9.19 -8.06 -2.49
CA TRP A 161 -10.57 -8.04 -2.95
C TRP A 161 -11.17 -6.64 -2.82
N ARG A 162 -11.92 -6.24 -3.84
CA ARG A 162 -12.51 -4.91 -3.87
C ARG A 162 -14.02 -4.93 -3.73
N PHE A 163 -14.56 -4.03 -2.92
CA PHE A 163 -15.99 -3.85 -2.83
C PHE A 163 -16.39 -2.51 -3.44
N ASP A 164 -17.30 -2.55 -4.39
CA ASP A 164 -17.76 -1.36 -5.09
C ASP A 164 -19.00 -0.78 -4.40
N PHE A 165 -19.01 0.54 -4.20
CA PHE A 165 -20.15 1.20 -3.57
C PHE A 165 -21.04 1.91 -4.61
N GLY A 166 -20.41 2.58 -5.58
CA GLY A 166 -21.12 3.18 -6.70
C GLY A 166 -21.51 4.65 -6.53
N ASP A 167 -21.04 5.52 -7.43
CA ASP A 167 -21.31 6.96 -7.30
C ASP A 167 -20.95 7.82 -8.53
N GLU A 168 -20.88 9.13 -8.31
CA GLU A 168 -20.57 10.11 -9.36
C GLU A 168 -20.41 11.51 -8.76
N GLY A 169 -19.63 12.38 -9.42
CA GLY A 169 -19.52 13.77 -9.03
C GLY A 169 -18.38 14.12 -8.10
N LEU A 170 -18.21 13.33 -7.05
CA LEU A 170 -17.10 13.44 -6.09
C LEU A 170 -17.24 14.56 -5.04
N HIS A 171 -16.86 14.23 -3.81
CA HIS A 171 -16.86 15.13 -2.65
C HIS A 171 -16.34 14.34 -1.46
N PRO A 172 -15.51 14.98 -0.62
CA PRO A 172 -14.76 14.44 0.52
C PRO A 172 -15.53 13.44 1.37
N GLU A 173 -14.95 12.28 1.62
CA GLU A 173 -15.54 11.30 2.53
C GLU A 173 -15.68 11.89 3.93
N ALA A 174 -16.72 11.47 4.65
CA ALA A 174 -17.05 12.03 5.96
C ALA A 174 -16.76 11.06 7.11
N PRO A 175 -16.38 11.59 8.29
CA PRO A 175 -15.95 10.81 9.47
C PRO A 175 -17.05 10.02 10.18
N LEU A 176 -16.77 9.58 11.42
CA LEU A 176 -17.74 8.81 12.19
C LEU A 176 -18.10 9.54 13.50
N GLY A 177 -19.32 9.30 13.98
CA GLY A 177 -19.78 9.85 15.25
C GLY A 177 -18.86 9.55 16.42
N PHE A 178 -18.73 10.52 17.32
CA PHE A 178 -17.80 10.44 18.44
C PHE A 178 -18.13 9.31 19.43
N LEU A 179 -17.38 9.24 20.52
CA LEU A 179 -17.58 8.21 21.54
C LEU A 179 -18.87 8.43 22.35
N GLY B 4 25.72 12.34 -22.96
CA GLY B 4 26.33 11.04 -23.12
C GLY B 4 25.66 9.98 -22.27
N ILE B 5 24.78 10.43 -21.37
CA ILE B 5 24.02 9.58 -20.46
C ILE B 5 24.90 8.86 -19.42
N ASP B 6 25.42 9.65 -18.48
CA ASP B 6 26.12 9.08 -17.34
C ASP B 6 25.15 8.90 -16.17
N ILE B 7 25.22 7.74 -15.52
CA ILE B 7 24.34 7.45 -14.39
C ILE B 7 25.12 7.43 -13.08
N ARG B 8 24.60 8.14 -12.08
CA ARG B 8 25.27 8.22 -10.78
C ARG B 8 24.28 8.32 -9.62
N VAL B 9 24.80 8.21 -8.41
CA VAL B 9 24.00 8.41 -7.20
C VAL B 9 23.69 9.90 -7.06
N ALA B 10 22.47 10.21 -6.62
CA ALA B 10 22.03 11.59 -6.50
C ALA B 10 22.59 12.29 -5.26
N ARG B 11 22.67 13.62 -5.35
CA ARG B 11 23.09 14.45 -4.22
C ARG B 11 22.11 15.62 -4.07
N PRO B 12 21.95 16.14 -2.83
CA PRO B 12 21.04 17.26 -2.56
C PRO B 12 21.21 18.47 -3.48
N GLU B 13 22.32 18.54 -4.20
CA GLU B 13 22.50 19.57 -5.23
C GLU B 13 21.60 19.31 -6.43
N ASP B 14 21.17 18.06 -6.60
CA ASP B 14 20.34 17.68 -7.75
C ASP B 14 18.87 18.09 -7.58
N ALA B 15 18.52 18.54 -6.38
CA ALA B 15 17.14 18.87 -6.05
C ALA B 15 16.51 19.86 -7.03
N GLU B 16 17.31 20.80 -7.51
CA GLU B 16 16.83 21.83 -8.43
C GLU B 16 16.33 21.23 -9.76
N GLU B 17 17.19 20.45 -10.41
CA GLU B 17 16.86 19.89 -11.72
C GLU B 17 15.89 18.73 -11.62
N ILE B 18 15.76 18.16 -10.43
CA ILE B 18 14.82 17.08 -10.19
C ILE B 18 13.40 17.62 -10.05
N GLN B 19 13.27 18.75 -9.36
CA GLN B 19 11.98 19.44 -9.24
C GLN B 19 11.40 19.77 -10.61
N ILE B 20 12.25 20.24 -11.52
CA ILE B 20 11.81 20.67 -12.84
C ILE B 20 11.29 19.50 -13.67
N ILE B 21 11.77 18.30 -13.36
CA ILE B 21 11.27 17.10 -14.03
C ILE B 21 9.98 16.62 -13.38
N TYR B 22 9.95 16.59 -12.05
CA TYR B 22 8.82 16.05 -11.33
C TYR B 22 7.58 16.93 -11.44
N ALA B 23 7.78 18.24 -11.33
CA ALA B 23 6.67 19.20 -11.33
C ALA B 23 5.60 19.01 -12.42
N PRO B 24 6.01 18.88 -13.70
CA PRO B 24 4.99 18.71 -14.74
C PRO B 24 4.15 17.47 -14.46
N ILE B 25 4.83 16.36 -14.14
CA ILE B 25 4.17 15.14 -13.75
C ILE B 25 3.10 15.43 -12.71
N VAL B 26 3.48 16.07 -11.61
CA VAL B 26 2.53 16.54 -10.61
C VAL B 26 1.39 17.36 -11.23
N LEU B 27 1.76 18.43 -11.93
CA LEU B 27 0.75 19.34 -12.48
C LEU B 27 -0.17 18.71 -13.52
N ASN B 28 0.40 17.94 -14.45
CA ASN B 28 -0.34 17.57 -15.66
C ASN B 28 -0.76 16.10 -15.80
N THR B 29 -0.24 15.22 -14.94
CA THR B 29 -0.47 13.80 -15.09
C THR B 29 -0.93 13.10 -13.81
N ALA B 30 -1.30 11.83 -13.94
CA ALA B 30 -1.65 11.00 -12.80
C ALA B 30 -0.53 10.04 -12.47
N ILE B 31 0.62 10.23 -13.11
CA ILE B 31 1.79 9.38 -12.88
C ILE B 31 2.14 9.36 -11.39
N SER B 32 2.20 10.54 -10.80
CA SER B 32 2.22 10.66 -9.35
C SER B 32 0.87 11.20 -8.89
N PHE B 33 0.44 10.82 -7.70
CA PHE B 33 -0.84 11.29 -7.18
C PHE B 33 -0.70 12.51 -6.29
N GLU B 34 0.54 12.89 -6.01
CA GLU B 34 0.81 14.14 -5.30
C GLU B 34 0.28 15.29 -6.14
N GLU B 35 -0.40 16.24 -5.49
CA GLU B 35 -1.14 17.27 -6.21
C GLU B 35 -0.49 18.64 -6.16
N ALA B 36 0.29 18.91 -5.12
CA ALA B 36 1.04 20.16 -5.03
C ALA B 36 2.51 19.90 -5.23
N VAL B 37 3.21 20.89 -5.80
CA VAL B 37 4.64 20.75 -6.06
C VAL B 37 5.44 21.05 -4.81
N PRO B 38 6.34 20.13 -4.44
CA PRO B 38 7.24 20.35 -3.31
C PRO B 38 8.27 21.43 -3.64
N SER B 39 8.73 22.16 -2.63
CA SER B 39 9.77 23.14 -2.85
C SER B 39 11.09 22.41 -3.07
N VAL B 40 12.10 23.14 -3.54
CA VAL B 40 13.42 22.55 -3.73
C VAL B 40 13.96 22.05 -2.39
N GLU B 41 13.85 22.90 -1.37
CA GLU B 41 14.28 22.54 -0.02
C GLU B 41 13.56 21.29 0.48
N GLN B 42 12.33 21.10 0.03
CA GLN B 42 11.58 19.90 0.39
C GLN B 42 12.10 18.69 -0.36
N MET B 43 12.28 18.84 -1.67
CA MET B 43 12.85 17.78 -2.52
C MET B 43 14.23 17.36 -2.02
N ARG B 44 14.98 18.35 -1.56
CA ARG B 44 16.31 18.14 -1.00
C ARG B 44 16.25 17.14 0.16
N GLU B 45 15.24 17.30 1.01
CA GLU B 45 15.06 16.45 2.18
C GLU B 45 14.64 15.03 1.81
N ARG B 46 13.83 14.89 0.77
CA ARG B 46 13.39 13.56 0.33
C ARG B 46 14.54 12.75 -0.22
N ILE B 47 15.44 13.41 -0.96
CA ILE B 47 16.63 12.75 -1.48
C ILE B 47 17.50 12.21 -0.35
N SER B 48 17.79 13.07 0.62
CA SER B 48 18.56 12.69 1.79
C SER B 48 17.88 11.55 2.57
N THR B 49 16.60 11.73 2.85
CA THR B 49 15.84 10.74 3.63
C THR B 49 15.73 9.39 2.95
N THR B 50 15.60 9.39 1.62
CA THR B 50 15.56 8.15 0.87
C THR B 50 16.92 7.46 0.90
N LEU B 51 17.98 8.25 0.71
CA LEU B 51 19.33 7.72 0.55
C LEU B 51 19.89 7.02 1.78
N GLN B 52 19.28 7.27 2.93
CA GLN B 52 19.77 6.69 4.18
C GLN B 52 19.26 5.26 4.38
N THR B 53 18.74 4.66 3.30
CA THR B 53 18.30 3.27 3.33
C THR B 53 18.11 2.69 1.94
N TYR B 54 17.71 3.53 0.99
CA TYR B 54 17.42 3.08 -0.37
C TYR B 54 18.32 3.75 -1.41
N PRO B 55 18.52 3.09 -2.56
CA PRO B 55 19.25 3.72 -3.66
C PRO B 55 18.44 4.84 -4.31
N TYR B 56 19.08 5.97 -4.58
CA TYR B 56 18.49 7.07 -5.32
C TYR B 56 19.49 7.50 -6.39
N LEU B 57 19.10 7.37 -7.65
CA LEU B 57 20.01 7.59 -8.76
C LEU B 57 19.59 8.77 -9.64
N VAL B 58 20.50 9.28 -10.45
CA VAL B 58 20.19 10.32 -11.43
C VAL B 58 20.90 10.09 -12.75
N ALA B 59 20.29 10.52 -13.85
CA ALA B 59 20.85 10.36 -15.18
C ALA B 59 21.20 11.70 -15.82
N VAL B 60 22.50 11.94 -16.02
CA VAL B 60 22.95 13.21 -16.57
C VAL B 60 23.28 13.11 -18.06
N ARG B 61 23.08 14.22 -18.78
CA ARG B 61 23.42 14.27 -20.19
C ARG B 61 23.88 15.67 -20.55
N GLU B 62 25.14 15.77 -20.98
CA GLU B 62 25.78 17.05 -21.28
C GLU B 62 25.74 17.97 -20.06
N GLY B 63 25.86 17.37 -18.88
CA GLY B 63 25.96 18.13 -17.64
C GLY B 63 24.66 18.30 -16.89
N ARG B 64 23.54 18.05 -17.56
CA ARG B 64 22.23 18.28 -16.95
C ARG B 64 21.51 16.97 -16.65
N VAL B 65 20.82 16.93 -15.51
CA VAL B 65 19.96 15.80 -15.19
C VAL B 65 18.77 15.75 -16.14
N VAL B 66 18.52 14.58 -16.72
CA VAL B 66 17.42 14.40 -17.65
C VAL B 66 16.46 13.30 -17.16
N GLY B 67 16.82 12.68 -16.05
CA GLY B 67 15.98 11.66 -15.44
C GLY B 67 16.48 11.28 -14.07
N TYR B 68 15.69 10.51 -13.33
CA TYR B 68 16.14 9.98 -12.03
C TYR B 68 15.33 8.76 -11.58
N ALA B 69 15.76 8.13 -10.50
CA ALA B 69 15.13 6.91 -10.01
C ALA B 69 15.38 6.69 -8.52
N TYR B 70 14.38 6.13 -7.84
CA TYR B 70 14.55 5.77 -6.43
C TYR B 70 13.74 4.54 -6.04
N ALA B 71 14.02 4.03 -4.86
CA ALA B 71 13.24 2.94 -4.29
C ALA B 71 12.71 3.36 -2.93
N SER B 72 11.55 2.84 -2.54
CA SER B 72 10.95 3.17 -1.26
C SER B 72 10.22 1.97 -0.67
N GLN B 73 9.84 2.07 0.60
CA GLN B 73 9.14 0.99 1.29
C GLN B 73 7.84 0.61 0.59
N HIS B 74 7.57 -0.69 0.48
CA HIS B 74 6.33 -1.14 -0.12
C HIS B 74 5.18 -1.05 0.88
N ARG B 75 5.32 -1.75 2.00
CA ARG B 75 4.38 -1.64 3.09
C ARG B 75 5.10 -1.64 4.44
N ALA B 76 4.44 -1.07 5.45
CA ALA B 76 5.08 -0.75 6.73
C ALA B 76 5.63 -1.93 7.52
N ARG B 77 4.83 -2.98 7.69
CA ARG B 77 5.15 -4.07 8.61
C ARG B 77 6.38 -4.90 8.24
N ALA B 78 6.89 -5.64 9.23
CA ALA B 78 8.16 -6.35 9.12
C ALA B 78 8.19 -7.41 8.01
N ALA B 79 7.10 -8.17 7.87
CA ALA B 79 7.05 -9.24 6.89
C ALA B 79 7.21 -8.73 5.45
N TYR B 80 7.00 -7.43 5.25
CA TYR B 80 7.14 -6.80 3.95
C TYR B 80 8.55 -6.28 3.69
N ARG B 81 9.48 -6.63 4.58
CA ARG B 81 10.87 -6.15 4.53
C ARG B 81 11.55 -6.36 3.17
N TRP B 82 11.26 -7.50 2.55
CA TRP B 82 11.95 -7.90 1.33
C TRP B 82 11.30 -7.34 0.07
N ALA B 83 10.21 -6.61 0.23
CA ALA B 83 9.55 -5.97 -0.91
C ALA B 83 9.94 -4.51 -1.00
N VAL B 84 10.13 -4.03 -2.23
CA VAL B 84 10.46 -2.63 -2.46
C VAL B 84 9.67 -2.08 -3.65
N ASP B 85 9.34 -0.78 -3.59
CA ASP B 85 8.72 -0.13 -4.74
C ASP B 85 9.79 0.61 -5.56
N VAL B 86 9.62 0.62 -6.88
CA VAL B 86 10.57 1.29 -7.77
C VAL B 86 9.89 2.38 -8.60
N THR B 87 10.62 3.48 -8.82
CA THR B 87 10.05 4.67 -9.44
C THR B 87 11.03 5.31 -10.41
N VAL B 88 10.63 5.45 -11.67
CA VAL B 88 11.50 6.05 -12.67
C VAL B 88 10.82 7.19 -13.42
N TYR B 89 11.47 8.35 -13.43
CA TYR B 89 10.96 9.52 -14.14
C TYR B 89 12.03 10.05 -15.08
N VAL B 90 11.65 10.34 -16.32
CA VAL B 90 12.56 11.01 -17.26
C VAL B 90 11.99 12.38 -17.64
N ALA B 91 12.86 13.24 -18.17
CA ALA B 91 12.41 14.56 -18.62
C ALA B 91 11.47 14.43 -19.82
N GLU B 92 10.51 15.35 -19.93
CA GLU B 92 9.51 15.31 -20.99
C GLU B 92 10.15 15.34 -22.37
N GLY B 93 11.23 16.10 -22.51
CA GLY B 93 11.94 16.21 -23.78
C GLY B 93 12.86 15.03 -24.04
N GLN B 94 12.66 13.96 -23.29
CA GLN B 94 13.44 12.73 -23.44
C GLN B 94 12.53 11.51 -23.29
N ARG B 95 11.23 11.72 -23.47
CA ARG B 95 10.26 10.64 -23.44
C ARG B 95 10.55 9.71 -24.62
N ARG B 96 10.56 8.41 -24.35
CA ARG B 96 10.87 7.41 -25.36
C ARG B 96 12.25 7.67 -25.99
N SER B 97 13.28 7.70 -25.15
CA SER B 97 14.63 7.96 -25.60
C SER B 97 15.59 6.88 -25.12
N GLY B 98 15.26 6.21 -24.03
CA GLY B 98 16.06 5.09 -23.55
C GLY B 98 16.61 5.26 -22.15
N ILE B 99 16.59 6.50 -21.65
CA ILE B 99 17.08 6.81 -20.32
C ILE B 99 16.36 6.00 -19.25
N ALA B 100 15.06 5.82 -19.45
CA ALA B 100 14.23 5.03 -18.55
C ALA B 100 14.80 3.64 -18.28
N ARG B 101 14.99 2.86 -19.35
CA ARG B 101 15.49 1.50 -19.22
C ARG B 101 16.91 1.45 -18.67
N GLN B 102 17.76 2.36 -19.15
CA GLN B 102 19.15 2.42 -18.71
C GLN B 102 19.21 2.67 -17.21
N LEU B 103 18.28 3.49 -16.73
CA LEU B 103 18.15 3.83 -15.31
C LEU B 103 17.84 2.59 -14.48
N TYR B 104 16.98 1.73 -15.04
CA TYR B 104 16.59 0.49 -14.37
C TYR B 104 17.73 -0.52 -14.32
N ASP B 105 18.47 -0.64 -15.42
CA ASP B 105 19.54 -1.62 -15.54
C ASP B 105 20.63 -1.43 -14.48
N VAL B 106 20.75 -0.20 -13.98
CA VAL B 106 21.60 0.06 -12.83
C VAL B 106 20.86 -0.33 -11.56
N LEU B 107 19.60 0.10 -11.46
CA LEU B 107 18.83 0.04 -10.22
C LEU B 107 18.44 -1.36 -9.76
N LEU B 108 17.94 -2.19 -10.67
CA LEU B 108 17.51 -3.55 -10.30
C LEU B 108 18.63 -4.43 -9.69
N PRO B 109 19.81 -4.52 -10.35
CA PRO B 109 20.90 -5.29 -9.76
C PRO B 109 21.28 -4.81 -8.36
N VAL B 110 21.33 -3.50 -8.17
CA VAL B 110 21.63 -2.93 -6.86
C VAL B 110 20.66 -3.47 -5.82
N LEU B 111 19.37 -3.47 -6.16
CA LEU B 111 18.33 -3.99 -5.27
C LEU B 111 18.51 -5.48 -5.01
N LYS B 112 18.85 -6.23 -6.06
CA LYS B 112 19.08 -7.66 -5.93
C LYS B 112 20.16 -7.96 -4.91
N ARG B 113 21.31 -7.30 -5.06
CA ARG B 113 22.43 -7.53 -4.15
C ARG B 113 22.26 -6.83 -2.81
N LEU B 114 21.22 -6.02 -2.67
CA LEU B 114 20.89 -5.46 -1.37
C LEU B 114 20.07 -6.43 -0.52
N GLY B 115 19.56 -7.47 -1.15
CA GLY B 115 18.86 -8.52 -0.44
C GLY B 115 17.35 -8.51 -0.64
N TYR B 116 16.88 -7.66 -1.55
CA TYR B 116 15.44 -7.58 -1.81
C TYR B 116 14.96 -8.76 -2.64
N ARG B 117 13.69 -9.11 -2.47
CA ARG B 117 13.14 -10.34 -3.03
C ARG B 117 12.27 -10.01 -4.24
N SER B 118 11.55 -8.90 -4.16
CA SER B 118 10.70 -8.47 -5.26
C SER B 118 10.60 -6.96 -5.35
N ALA B 119 10.24 -6.46 -6.53
CA ALA B 119 10.07 -5.03 -6.76
C ALA B 119 8.77 -4.74 -7.51
N TYR B 120 8.03 -3.75 -7.02
CA TYR B 120 6.74 -3.39 -7.59
C TYR B 120 6.72 -1.96 -8.14
N ALA B 121 6.16 -1.80 -9.34
CA ALA B 121 5.95 -0.46 -9.88
C ALA B 121 4.45 -0.22 -10.10
N GLY B 122 3.95 0.88 -9.56
CA GLY B 122 2.56 1.26 -9.74
C GLY B 122 2.37 2.18 -10.92
N ILE B 123 1.61 1.72 -11.89
CA ILE B 123 1.42 2.48 -13.11
C ILE B 123 -0.03 2.93 -13.23
N ALA B 124 -0.25 4.25 -13.27
CA ALA B 124 -1.54 4.81 -13.62
C ALA B 124 -1.92 4.29 -15.00
N LEU B 125 -3.18 3.89 -15.22
CA LEU B 125 -3.45 3.08 -16.41
C LEU B 125 -4.22 3.62 -17.63
N PRO B 126 -3.62 4.59 -18.37
CA PRO B 126 -3.82 4.70 -19.82
C PRO B 126 -2.44 4.73 -20.46
N ASN B 127 -1.49 3.96 -19.95
CA ASN B 127 -0.07 4.15 -20.31
C ASN B 127 0.58 3.00 -21.09
N GLU B 128 0.43 2.99 -22.41
CA GLU B 128 1.02 1.96 -23.25
C GLU B 128 2.55 2.00 -23.19
N GLY B 129 3.09 3.22 -23.17
CA GLY B 129 4.53 3.40 -23.17
C GLY B 129 5.21 2.78 -21.97
N SER B 130 4.67 3.05 -20.78
CA SER B 130 5.24 2.57 -19.54
C SER B 130 5.10 1.06 -19.37
N VAL B 131 3.92 0.53 -19.67
CA VAL B 131 3.66 -0.90 -19.51
C VAL B 131 4.61 -1.70 -20.40
N GLY B 132 4.91 -1.16 -21.57
CA GLY B 132 5.87 -1.77 -22.46
C GLY B 132 7.24 -1.90 -21.83
N LEU B 133 7.76 -0.80 -21.30
CA LEU B 133 9.08 -0.79 -20.69
C LEU B 133 9.24 -1.83 -19.59
N HIS B 134 8.22 -1.94 -18.74
CA HIS B 134 8.27 -2.86 -17.61
C HIS B 134 8.15 -4.33 -18.04
N GLU B 135 7.14 -4.64 -18.86
CA GLU B 135 6.94 -6.00 -19.35
C GLU B 135 8.10 -6.46 -20.21
N ARG B 136 8.68 -5.53 -20.96
CA ARG B 136 9.84 -5.83 -21.79
C ARG B 136 11.11 -5.72 -20.98
N LEU B 137 10.97 -5.84 -19.67
CA LEU B 137 12.10 -5.80 -18.75
C LEU B 137 12.01 -6.97 -17.77
N GLY B 138 10.95 -7.77 -17.91
CA GLY B 138 10.75 -8.93 -17.07
C GLY B 138 9.72 -8.77 -15.97
N PHE B 139 9.02 -7.63 -15.97
CA PHE B 139 7.95 -7.40 -15.00
C PHE B 139 6.70 -8.17 -15.38
N GLN B 140 6.01 -8.70 -14.38
CA GLN B 140 4.74 -9.37 -14.59
C GLN B 140 3.60 -8.53 -14.05
N HIS B 141 2.56 -8.33 -14.85
CA HIS B 141 1.35 -7.71 -14.34
C HIS B 141 0.69 -8.67 -13.38
N ILE B 142 0.36 -8.18 -12.18
CA ILE B 142 -0.18 -9.06 -11.15
C ILE B 142 -1.56 -8.60 -10.66
N GLY B 143 -2.03 -7.47 -11.18
CA GLY B 143 -3.34 -6.97 -10.82
C GLY B 143 -3.53 -5.48 -11.01
N THR B 144 -4.78 -5.05 -10.98
CA THR B 144 -5.12 -3.65 -11.18
C THR B 144 -6.10 -3.17 -10.11
N PHE B 145 -5.88 -1.95 -9.62
CA PHE B 145 -6.79 -1.30 -8.68
C PHE B 145 -7.60 -0.25 -9.42
N PRO B 146 -8.81 -0.62 -9.87
CA PRO B 146 -9.68 0.20 -10.71
C PRO B 146 -10.27 1.41 -9.99
N GLN B 147 -10.22 2.57 -10.63
CA GLN B 147 -10.83 3.81 -10.14
C GLN B 147 -10.53 4.07 -8.66
N VAL B 148 -9.28 3.84 -8.27
CA VAL B 148 -8.89 3.94 -6.88
C VAL B 148 -8.47 5.36 -6.48
N GLY B 149 -8.13 6.18 -7.47
CA GLY B 149 -7.60 7.51 -7.21
C GLY B 149 -8.18 8.62 -8.05
N PHE B 150 -8.36 9.79 -7.45
CA PHE B 150 -9.00 10.93 -8.11
C PHE B 150 -8.07 12.13 -8.18
N LYS B 151 -7.68 12.51 -9.40
CA LYS B 151 -6.82 13.66 -9.58
C LYS B 151 -7.02 14.29 -10.96
N LEU B 152 -7.05 15.62 -10.98
CA LEU B 152 -7.35 16.39 -12.19
C LEU B 152 -8.71 16.02 -12.77
N ASP B 153 -9.72 16.03 -11.90
CA ASP B 153 -11.12 15.77 -12.29
C ASP B 153 -11.32 14.49 -13.07
N ALA B 154 -10.68 13.41 -12.62
CA ALA B 154 -10.80 12.12 -13.27
C ALA B 154 -10.37 11.00 -12.34
N TRP B 155 -11.15 9.92 -12.31
CA TRP B 155 -10.77 8.73 -11.59
C TRP B 155 -9.78 7.94 -12.42
N HIS B 156 -8.75 7.39 -11.78
CA HIS B 156 -7.71 6.67 -12.49
C HIS B 156 -7.52 5.25 -11.95
N ASP B 157 -7.42 4.29 -12.87
CA ASP B 157 -7.05 2.93 -12.51
C ASP B 157 -5.55 2.86 -12.30
N VAL B 158 -5.13 1.96 -11.42
CA VAL B 158 -3.70 1.78 -11.13
C VAL B 158 -3.35 0.30 -11.09
N GLY B 159 -2.48 -0.12 -12.01
CA GLY B 159 -2.07 -1.51 -12.09
C GLY B 159 -0.66 -1.70 -11.58
N TYR B 160 -0.40 -2.84 -10.94
CA TYR B 160 0.90 -3.10 -10.33
C TYR B 160 1.70 -4.20 -11.02
N TRP B 161 2.92 -3.87 -11.40
CA TRP B 161 3.82 -4.81 -12.06
C TRP B 161 4.92 -5.25 -11.10
N ARG B 162 5.31 -6.52 -11.18
CA ARG B 162 6.26 -7.09 -10.24
C ARG B 162 7.48 -7.70 -10.93
N PHE B 163 8.66 -7.43 -10.38
CA PHE B 163 9.92 -8.02 -10.84
C PHE B 163 10.46 -8.99 -9.79
N ASP B 164 10.94 -10.14 -10.24
CA ASP B 164 11.41 -11.17 -9.31
C ASP B 164 12.94 -11.31 -9.33
N PHE B 165 13.50 -11.82 -8.23
CA PHE B 165 14.95 -11.91 -8.09
C PHE B 165 15.46 -13.34 -7.91
N GLY B 166 14.88 -14.09 -6.99
CA GLY B 166 15.29 -15.46 -6.73
C GLY B 166 15.11 -15.86 -5.28
N ASP B 167 15.12 -17.17 -5.03
CA ASP B 167 14.91 -17.70 -3.69
C ASP B 167 15.31 -19.18 -3.62
N GLY B 169 16.28 -19.31 2.28
CA GLY B 169 17.04 -18.95 3.46
C GLY B 169 16.48 -17.73 4.18
N LEU B 170 16.16 -16.70 3.41
CA LEU B 170 15.52 -15.48 3.92
C LEU B 170 16.32 -14.73 4.99
N HIS B 171 17.38 -14.05 4.57
CA HIS B 171 18.11 -13.13 5.44
C HIS B 171 17.64 -11.71 5.14
N PRO B 172 17.54 -10.88 6.19
CA PRO B 172 17.02 -9.50 6.13
C PRO B 172 17.70 -8.65 5.06
N GLU B 173 17.00 -7.61 4.60
CA GLU B 173 17.53 -6.73 3.54
C GLU B 173 18.62 -5.79 4.06
N ALA B 174 19.37 -5.18 3.14
CA ALA B 174 20.49 -4.31 3.50
C ALA B 174 20.43 -2.96 2.78
N PRO B 175 20.93 -1.89 3.45
CA PRO B 175 20.86 -0.50 2.98
C PRO B 175 21.89 -0.07 1.94
N LEU B 176 22.00 1.24 1.74
CA LEU B 176 22.81 1.82 0.68
C LEU B 176 23.82 2.80 1.28
N GLY B 177 24.96 2.99 0.60
CA GLY B 177 26.01 3.86 1.09
C GLY B 177 25.79 5.34 0.83
N PHE B 178 26.29 6.19 1.73
CA PHE B 178 26.00 7.64 1.69
C PHE B 178 26.88 8.41 0.70
N LEU B 179 27.97 9.00 1.19
CA LEU B 179 28.80 9.93 0.42
C LEU B 179 28.02 11.16 -0.05
#